data_8XCO
#
_entry.id   8XCO
#
_cell.length_a   1.00
_cell.length_b   1.00
_cell.length_c   1.00
_cell.angle_alpha   90.00
_cell.angle_beta   90.00
_cell.angle_gamma   90.00
#
_symmetry.space_group_name_H-M   'P 1'
#
loop_
_entity.id
_entity.type
_entity.pdbx_description
1 polymer 'Glutamate dehydrogenase'
2 non-polymer 'NADPH DIHYDRO-NICOTINAMIDE-ADENINE-DINUCLEOTIDE PHOSPHATE'
3 water water
#
_entity_poly.entity_id   1
_entity_poly.type   'polypeptide(L)'
_entity_poly.pdbx_seq_one_letter_code
;MVEIDPFEMAVKQLERAAQYMDISEEALEWLKKPMRIVEVSVPIEMDDGSVKVFTGFRVQHNWARGPTKGGIRWHPAETL
STVKALATWMTWKVAVVDLPYGGGKGGIIVNPKELSEREQERLARAYIRAVYDVIGPWTDIPAPDVYTNPKIMGWMMDEY
ETIMRRKGPAFGVITGKPLSIGGSLGRGTATAQGAIFTIREAAKALGIDLKGKKIAVQGYGNAGYYTAKLAKEQLGMTVV
AVSDSRGGIYNPDGLDPDEVLKWKREHGSVKDFPGATNITNEELLELEVDVLAPAAIEEVITEKNADNIKAKIVAEVANG
PVTPEADDILREKGILQIPDFLCNAGGVTVSYFEWVQNINGYYWTEEEVREKLDKKMTKAFWEVYNTHKDKNIHMRDAAY
VVAVSRVYQAMKDRGWVKK
;
_entity_poly.pdbx_strand_id   A
#
loop_
_chem_comp.id
_chem_comp.type
_chem_comp.name
_chem_comp.formula
NDP non-polymer 'NADPH DIHYDRO-NICOTINAMIDE-ADENINE-DINUCLEOTIDE PHOSPHATE' 'C21 H30 N7 O17 P3'
#
# COMPACT_ATOMS: atom_id res chain seq x y z
N ILE A 4 -19.24 6.64 7.76
CA ILE A 4 -18.93 5.38 8.44
C ILE A 4 -17.60 5.45 9.17
N ASP A 5 -17.63 5.28 10.50
CA ASP A 5 -16.40 5.33 11.29
C ASP A 5 -15.42 4.30 10.76
N PRO A 6 -14.17 4.74 10.52
CA PRO A 6 -13.09 3.90 9.99
C PRO A 6 -12.69 2.76 10.89
N PHE A 7 -12.58 3.00 12.20
CA PHE A 7 -12.22 1.93 13.12
C PHE A 7 -13.33 0.90 13.24
N GLU A 8 -14.58 1.35 13.22
CA GLU A 8 -15.69 0.41 13.20
C GLU A 8 -15.66 -0.49 11.97
N MET A 9 -15.34 0.12 10.83
CA MET A 9 -15.24 -0.62 9.57
C MET A 9 -14.12 -1.65 9.66
N ALA A 10 -12.97 -1.25 10.19
CA ALA A 10 -11.84 -2.16 10.33
C ALA A 10 -12.16 -3.32 11.26
N VAL A 11 -12.84 -3.04 12.38
CA VAL A 11 -13.21 -4.10 13.31
C VAL A 11 -14.21 -5.06 12.66
N LYS A 12 -15.16 -4.51 11.90
CA LYS A 12 -16.11 -5.35 11.20
C LYS A 12 -15.43 -6.26 10.19
N GLN A 13 -14.44 -5.71 9.50
CA GLN A 13 -13.67 -6.47 8.52
C GLN A 13 -12.94 -7.61 9.22
N LEU A 14 -12.31 -7.30 10.35
CA LEU A 14 -11.58 -8.30 11.13
C LEU A 14 -12.51 -9.40 11.62
N GLU A 15 -13.70 -9.05 12.10
CA GLU A 15 -14.65 -10.06 12.55
C GLU A 15 -15.13 -10.93 11.40
N ARG A 16 -15.31 -10.33 10.22
CA ARG A 16 -15.72 -11.06 9.04
C ARG A 16 -14.62 -12.08 8.71
N ALA A 17 -13.38 -11.63 8.72
CA ALA A 17 -12.25 -12.52 8.44
C ALA A 17 -12.17 -13.65 9.45
N ALA A 18 -12.37 -13.34 10.73
CA ALA A 18 -12.36 -14.36 11.77
C ALA A 18 -13.51 -15.36 11.61
N GLN A 19 -14.57 -14.98 10.93
CA GLN A 19 -15.70 -15.88 10.72
C GLN A 19 -15.36 -17.02 9.74
N TYR A 20 -14.27 -16.85 8.99
CA TYR A 20 -13.85 -17.86 8.02
C TYR A 20 -12.65 -18.67 8.50
N MET A 21 -12.24 -18.53 9.76
CA MET A 21 -11.08 -19.24 10.27
C MET A 21 -11.29 -19.56 11.73
N ASP A 22 -10.50 -20.53 12.22
CA ASP A 22 -10.58 -20.97 13.62
C ASP A 22 -9.65 -20.10 14.45
N ILE A 23 -10.24 -19.15 15.18
CA ILE A 23 -9.50 -18.25 16.05
C ILE A 23 -10.24 -18.13 17.37
N SER A 24 -9.49 -18.10 18.47
CA SER A 24 -10.09 -18.01 19.79
C SER A 24 -10.69 -16.62 20.02
N GLU A 25 -11.62 -16.56 20.97
CA GLU A 25 -12.26 -15.29 21.28
C GLU A 25 -11.28 -14.30 21.90
N GLU A 26 -10.38 -14.79 22.77
CA GLU A 26 -9.41 -13.90 23.39
C GLU A 26 -8.46 -13.30 22.37
N ALA A 27 -8.03 -14.08 21.38
CA ALA A 27 -7.18 -13.54 20.32
C ALA A 27 -7.91 -12.49 19.50
N LEU A 28 -9.19 -12.73 19.18
CA LEU A 28 -9.96 -11.75 18.44
C LEU A 28 -10.13 -10.46 19.23
N GLU A 29 -10.39 -10.58 20.54
CA GLU A 29 -10.51 -9.40 21.39
C GLU A 29 -9.19 -8.64 21.45
N TRP A 30 -8.07 -9.36 21.53
CA TRP A 30 -6.77 -8.71 21.50
C TRP A 30 -6.54 -7.98 20.18
N LEU A 31 -6.92 -8.61 19.07
CA LEU A 31 -6.69 -8.00 17.76
C LEU A 31 -7.66 -6.86 17.46
N LYS A 32 -8.76 -6.76 18.21
CA LYS A 32 -9.70 -5.67 17.99
C LYS A 32 -9.24 -4.37 18.62
N LYS A 33 -8.15 -4.40 19.39
CA LYS A 33 -7.70 -3.18 20.02
C LYS A 33 -6.22 -2.95 19.81
N PRO A 34 -5.86 -1.72 19.40
CA PRO A 34 -4.44 -1.40 19.25
C PRO A 34 -3.69 -1.57 20.56
N MET A 35 -2.47 -2.09 20.48
CA MET A 35 -1.72 -2.38 21.69
C MET A 35 -1.15 -1.13 22.34
N ARG A 36 -0.90 -0.07 21.56
CA ARG A 36 -0.42 1.18 22.13
C ARG A 36 -0.84 2.34 21.23
N ILE A 37 -1.44 3.36 21.83
CA ILE A 37 -1.81 4.59 21.13
C ILE A 37 -1.16 5.75 21.85
N VAL A 38 -0.46 6.59 21.09
CA VAL A 38 0.24 7.75 21.65
C VAL A 38 -0.27 8.99 20.96
N GLU A 39 -0.85 9.90 21.72
CA GLU A 39 -1.29 11.20 21.24
C GLU A 39 -0.48 12.28 21.92
N VAL A 40 0.19 13.11 21.13
CA VAL A 40 1.13 14.10 21.65
C VAL A 40 0.83 15.45 21.05
N SER A 41 1.27 16.50 21.76
CA SER A 41 1.20 17.85 21.22
C SER A 41 2.50 18.18 20.49
N VAL A 42 2.36 18.77 19.31
CA VAL A 42 3.51 19.05 18.46
C VAL A 42 3.64 20.56 18.31
N PRO A 43 4.43 21.23 19.15
CA PRO A 43 4.56 22.68 19.04
C PRO A 43 5.69 23.08 18.10
N ILE A 44 5.41 24.06 17.25
CA ILE A 44 6.40 24.60 16.33
C ILE A 44 6.33 26.12 16.39
N GLU A 45 7.41 26.76 15.96
CA GLU A 45 7.49 28.22 15.89
C GLU A 45 7.16 28.66 14.48
N MET A 46 6.13 29.49 14.35
CA MET A 46 5.70 29.95 13.05
C MET A 46 6.69 30.96 12.48
N ASP A 47 6.55 31.24 11.18
CA ASP A 47 7.48 32.15 10.52
C ASP A 47 7.28 33.59 11.00
N ASP A 48 6.12 33.88 11.60
CA ASP A 48 5.86 35.22 12.09
C ASP A 48 6.31 35.35 13.55
N GLY A 49 6.94 34.30 14.07
CA GLY A 49 7.42 34.30 15.44
C GLY A 49 6.46 33.71 16.46
N SER A 50 5.23 33.40 16.07
CA SER A 50 4.28 32.82 17.00
C SER A 50 4.55 31.33 17.19
N VAL A 51 3.89 30.75 18.18
CA VAL A 51 4.00 29.33 18.49
C VAL A 51 2.63 28.70 18.31
N LYS A 52 2.56 27.64 17.51
CA LYS A 52 1.33 26.91 17.27
C LYS A 52 1.52 25.46 17.67
N VAL A 53 0.50 24.87 18.27
CA VAL A 53 0.55 23.50 18.78
C VAL A 53 -0.34 22.65 17.88
N PHE A 54 0.21 21.56 17.37
CA PHE A 54 -0.56 20.63 16.55
C PHE A 54 -0.74 19.30 17.28
N THR A 55 -1.73 18.54 16.82
CA THR A 55 -2.03 17.24 17.42
C THR A 55 -1.41 16.14 16.57
N GLY A 56 -0.55 15.33 17.19
CA GLY A 56 0.11 14.24 16.50
C GLY A 56 -0.30 12.91 17.10
N PHE A 57 -0.29 11.87 16.26
CA PHE A 57 -0.67 10.53 16.66
C PHE A 57 0.41 9.53 16.29
N ARG A 58 0.47 8.44 17.02
CA ARG A 58 1.32 7.30 16.70
C ARG A 58 0.70 6.05 17.30
N VAL A 59 0.03 5.27 16.46
CA VAL A 59 -0.70 4.09 16.90
C VAL A 59 0.08 2.85 16.49
N GLN A 60 0.35 1.97 17.45
CA GLN A 60 1.02 0.70 17.21
C GLN A 60 -0.01 -0.40 17.50
N HIS A 61 -0.61 -0.95 16.44
CA HIS A 61 -1.70 -1.89 16.62
C HIS A 61 -1.23 -3.20 17.24
N ASN A 62 -0.16 -3.77 16.70
CA ASN A 62 0.31 -5.07 17.15
C ASN A 62 1.76 -5.23 16.73
N TRP A 63 2.56 -5.87 17.59
CA TRP A 63 3.97 -6.11 17.29
C TRP A 63 4.38 -7.54 17.64
N ALA A 64 3.47 -8.50 17.46
CA ALA A 64 3.81 -9.90 17.71
C ALA A 64 4.86 -10.39 16.73
N ARG A 65 4.77 -10.00 15.46
CA ARG A 65 5.68 -10.47 14.44
C ARG A 65 6.97 -9.67 14.36
N GLY A 66 7.05 -8.52 15.03
CA GLY A 66 8.24 -7.70 14.99
C GLY A 66 7.93 -6.23 15.13
N PRO A 67 8.90 -5.37 14.83
CA PRO A 67 8.66 -3.93 14.95
C PRO A 67 7.55 -3.46 14.03
N THR A 68 6.75 -2.53 14.53
CA THR A 68 5.61 -2.04 13.77
C THR A 68 6.06 -1.16 12.62
N LYS A 69 5.28 -1.17 11.53
CA LYS A 69 5.60 -0.43 10.32
C LYS A 69 4.36 0.32 9.85
N GLY A 70 4.55 1.58 9.44
CA GLY A 70 3.46 2.37 8.93
C GLY A 70 3.83 3.81 8.66
N GLY A 71 3.03 4.51 7.86
CA GLY A 71 3.37 5.85 7.46
C GLY A 71 2.83 6.92 8.38
N ILE A 72 3.15 8.17 8.04
CA ILE A 72 2.67 9.34 8.76
C ILE A 72 1.90 10.23 7.78
N ARG A 73 0.66 10.55 8.13
CA ARG A 73 -0.17 11.38 7.27
C ARG A 73 -0.33 12.81 7.79
N TRP A 74 -0.16 13.77 6.90
CA TRP A 74 -0.32 15.18 7.23
C TRP A 74 -1.56 15.69 6.52
N HIS A 75 -2.72 15.54 7.15
CA HIS A 75 -3.97 15.94 6.53
C HIS A 75 -4.76 16.78 7.51
N PRO A 76 -5.44 17.84 7.06
CA PRO A 76 -6.26 18.63 7.99
C PRO A 76 -7.43 17.87 8.59
N ALA A 77 -7.85 16.77 7.96
CA ALA A 77 -8.96 15.97 8.44
C ALA A 77 -8.52 14.70 9.16
N GLU A 78 -7.29 14.66 9.67
CA GLU A 78 -6.80 13.49 10.38
C GLU A 78 -7.54 13.31 11.69
N THR A 79 -7.82 12.06 12.02
CA THR A 79 -8.50 11.69 13.26
C THR A 79 -7.83 10.46 13.85
N LEU A 80 -7.89 10.33 15.17
CA LEU A 80 -7.32 9.17 15.84
C LEU A 80 -7.96 7.88 15.35
N SER A 81 -9.26 7.92 15.03
CA SER A 81 -9.94 6.75 14.50
C SER A 81 -9.35 6.32 13.17
N THR A 82 -9.08 7.28 12.28
CA THR A 82 -8.48 6.94 10.99
C THR A 82 -7.09 6.35 11.15
N VAL A 83 -6.30 6.91 12.06
CA VAL A 83 -4.96 6.38 12.30
C VAL A 83 -5.03 4.96 12.85
N LYS A 84 -5.96 4.72 13.78
CA LYS A 84 -6.10 3.37 14.32
C LYS A 84 -6.53 2.38 13.26
N ALA A 85 -7.49 2.76 12.41
CA ALA A 85 -7.95 1.87 11.35
C ALA A 85 -6.83 1.58 10.36
N LEU A 86 -6.04 2.60 10.00
CA LEU A 86 -4.95 2.38 9.05
C LEU A 86 -3.83 1.55 9.66
N ALA A 87 -3.57 1.68 10.96
CA ALA A 87 -2.60 0.81 11.62
C ALA A 87 -3.10 -0.64 11.61
N THR A 88 -4.38 -0.84 11.88
CA THR A 88 -4.96 -2.18 11.84
C THR A 88 -4.82 -2.79 10.45
N TRP A 89 -5.06 -1.97 9.43
CA TRP A 89 -4.94 -2.48 8.05
CA TRP A 89 -5.02 -2.45 8.04
C TRP A 89 -3.46 -2.74 7.71
N MET A 90 -2.56 -1.91 8.21
CA MET A 90 -1.14 -2.11 7.95
C MET A 90 -0.64 -3.40 8.58
N THR A 91 -1.23 -3.79 9.73
CA THR A 91 -0.90 -5.08 10.32
C THR A 91 -1.13 -6.22 9.34
N TRP A 92 -2.32 -6.29 8.75
CA TRP A 92 -2.62 -7.33 7.78
C TRP A 92 -1.78 -7.17 6.51
N LYS A 93 -1.49 -5.93 6.17
CA LYS A 93 -0.70 -5.62 4.98
C LYS A 93 0.68 -6.25 5.08
N VAL A 94 1.32 -6.11 6.24
CA VAL A 94 2.65 -6.68 6.43
C VAL A 94 2.57 -8.17 6.73
N ALA A 95 1.45 -8.64 7.28
CA ALA A 95 1.34 -10.06 7.59
C ALA A 95 1.09 -10.91 6.35
N VAL A 96 0.37 -10.38 5.35
CA VAL A 96 0.02 -11.20 4.19
C VAL A 96 1.25 -11.50 3.34
N VAL A 97 2.20 -10.59 3.28
CA VAL A 97 3.39 -10.75 2.45
C VAL A 97 4.57 -11.26 3.26
N ASP A 98 4.31 -11.71 4.50
CA ASP A 98 5.30 -12.39 5.33
C ASP A 98 6.50 -11.48 5.64
N LEU A 99 6.20 -10.33 6.24
CA LEU A 99 7.32 -9.53 6.71
C LEU A 99 7.44 -9.61 8.22
N PRO A 100 8.64 -9.51 8.78
CA PRO A 100 8.78 -9.53 10.24
C PRO A 100 8.39 -8.20 10.86
N TYR A 101 7.18 -7.74 10.58
CA TYR A 101 6.70 -6.44 11.01
C TYR A 101 5.34 -6.57 11.69
N GLY A 102 5.04 -5.56 12.51
CA GLY A 102 3.71 -5.34 13.02
C GLY A 102 3.00 -4.22 12.27
N GLY A 103 1.96 -3.69 12.90
CA GLY A 103 1.17 -2.62 12.33
C GLY A 103 1.39 -1.32 13.09
N GLY A 104 1.56 -0.23 12.35
CA GLY A 104 1.74 1.07 12.94
C GLY A 104 1.22 2.15 12.01
N LYS A 105 1.01 3.33 12.58
CA LYS A 105 0.52 4.47 11.80
C LYS A 105 0.69 5.73 12.62
N GLY A 106 0.89 6.84 11.91
CA GLY A 106 1.01 8.13 12.54
C GLY A 106 0.22 9.18 11.77
N GLY A 107 0.15 10.37 12.34
CA GLY A 107 -0.56 11.46 11.70
C GLY A 107 -0.50 12.72 12.51
N ILE A 108 -0.53 13.84 11.80
CA ILE A 108 -0.61 15.17 12.40
C ILE A 108 -1.77 15.92 11.76
N ILE A 109 -2.63 16.51 12.59
CA ILE A 109 -3.77 17.27 12.11
C ILE A 109 -3.27 18.65 11.69
N VAL A 110 -2.89 18.79 10.42
CA VAL A 110 -2.31 20.02 9.92
C VAL A 110 -2.58 20.10 8.42
N ASN A 111 -2.76 21.32 7.93
CA ASN A 111 -2.85 21.56 6.49
C ASN A 111 -1.47 21.96 5.99
N PRO A 112 -0.72 21.07 5.36
CA PRO A 112 0.65 21.40 4.92
C PRO A 112 0.74 22.34 3.72
N LYS A 113 -0.39 22.68 3.11
CA LYS A 113 -0.39 23.58 1.96
C LYS A 113 -0.15 25.02 2.40
N GLU A 114 -0.40 25.30 3.67
CA GLU A 114 -0.22 26.63 4.24
C GLU A 114 1.05 26.72 5.09
N LEU A 115 1.94 25.74 5.01
CA LEU A 115 3.18 25.79 5.77
C LEU A 115 4.36 25.97 4.83
N SER A 116 5.33 26.79 5.24
CA SER A 116 6.53 26.96 4.46
C SER A 116 7.50 25.80 4.71
N GLU A 117 8.61 25.80 3.97
CA GLU A 117 9.58 24.73 4.10
C GLU A 117 10.18 24.69 5.49
N ARG A 118 10.52 25.86 6.05
CA ARG A 118 11.07 25.91 7.40
C ARG A 118 10.05 25.42 8.42
N GLU A 119 8.78 25.83 8.26
CA GLU A 119 7.74 25.39 9.18
C GLU A 119 7.51 23.89 9.07
N GLN A 120 7.56 23.33 7.86
CA GLN A 120 7.40 21.89 7.70
C GLN A 120 8.55 21.13 8.34
N GLU A 121 9.77 21.64 8.18
CA GLU A 121 10.93 21.00 8.83
C GLU A 121 10.80 21.05 10.34
N ARG A 122 10.35 22.20 10.87
CA ARG A 122 10.13 22.31 12.32
C ARG A 122 9.05 21.35 12.78
N LEU A 123 8.00 21.18 11.97
CA LEU A 123 6.93 20.23 12.32
C LEU A 123 7.46 18.82 12.38
N ALA A 124 8.26 18.42 11.39
CA ALA A 124 8.82 17.07 11.39
C ALA A 124 9.72 16.84 12.59
N ARG A 125 10.60 17.81 12.88
CA ARG A 125 11.51 17.67 14.00
C ARG A 125 10.77 17.64 15.33
N ALA A 126 9.74 18.46 15.48
CA ALA A 126 8.94 18.45 16.71
C ALA A 126 8.16 17.16 16.86
N TYR A 127 7.65 16.60 15.76
CA TYR A 127 6.97 15.32 15.84
C TYR A 127 7.93 14.22 16.29
N ILE A 128 9.16 14.23 15.77
CA ILE A 128 10.15 13.25 16.20
C ILE A 128 10.47 13.45 17.68
N ARG A 129 10.66 14.69 18.11
CA ARG A 129 10.93 14.96 19.52
C ARG A 129 9.79 14.49 20.42
N ALA A 130 8.55 14.58 19.95
CA ALA A 130 7.39 14.15 20.72
C ALA A 130 7.25 12.64 20.78
N VAL A 131 7.49 11.93 19.68
CA VAL A 131 7.23 10.49 19.63
C VAL A 131 8.52 9.66 19.69
N TYR A 132 9.65 10.27 20.07
CA TYR A 132 10.90 9.52 20.13
C TYR A 132 10.81 8.31 21.06
N ASP A 133 10.07 8.42 22.16
CA ASP A 133 10.09 7.37 23.18
C ASP A 133 9.39 6.10 22.73
N VAL A 134 8.65 6.13 21.62
CA VAL A 134 7.90 4.97 21.17
C VAL A 134 8.28 4.55 19.75
N ILE A 135 9.39 5.06 19.23
CA ILE A 135 9.86 4.72 17.89
C ILE A 135 11.33 4.29 17.97
N GLY A 136 11.78 3.61 16.93
CA GLY A 136 13.15 3.16 16.86
C GLY A 136 13.38 2.19 15.72
N PRO A 137 14.64 1.87 15.45
CA PRO A 137 14.95 0.89 14.38
C PRO A 137 14.35 -0.48 14.64
N TRP A 138 14.15 -0.86 15.91
CA TRP A 138 13.59 -2.15 16.25
C TRP A 138 12.27 -2.05 17.00
N THR A 139 11.68 -0.85 17.07
CA THR A 139 10.42 -0.63 17.76
C THR A 139 9.32 -0.17 16.82
N ASP A 140 9.56 0.88 16.03
CA ASP A 140 8.55 1.44 15.15
C ASP A 140 9.21 2.21 14.02
N ILE A 141 8.91 1.85 12.78
CA ILE A 141 9.57 2.46 11.62
C ILE A 141 8.55 3.24 10.80
N PRO A 142 8.52 4.58 10.91
CA PRO A 142 7.59 5.37 10.08
C PRO A 142 7.94 5.34 8.60
N ALA A 143 7.06 5.92 7.77
CA ALA A 143 7.22 5.91 6.32
C ALA A 143 6.44 7.05 5.68
N PRO A 144 6.72 7.38 4.42
CA PRO A 144 5.93 8.41 3.73
C PRO A 144 4.46 8.02 3.63
N ASP A 145 3.60 9.04 3.64
CA ASP A 145 2.20 8.86 3.36
C ASP A 145 1.60 10.10 2.72
N VAL A 146 0.28 10.25 2.76
CA VAL A 146 -0.38 11.36 2.08
C VAL A 146 0.18 12.68 2.60
N TYR A 147 0.50 13.59 1.67
CA TYR A 147 1.11 14.89 1.87
C TYR A 147 2.42 14.80 2.65
N THR A 148 3.13 13.68 2.57
CA THR A 148 4.44 13.54 3.19
C THR A 148 5.39 12.88 2.18
N ASN A 149 6.62 13.37 2.11
CA ASN A 149 7.57 12.85 1.13
C ASN A 149 8.93 12.50 1.70
N PRO A 150 9.87 12.12 0.82
CA PRO A 150 11.19 11.74 1.32
C PRO A 150 11.97 12.88 1.99
N LYS A 151 11.61 14.11 1.66
CA LYS A 151 12.24 15.29 2.24
C LYS A 151 12.00 15.27 3.74
N ILE A 152 10.74 15.11 4.13
CA ILE A 152 10.35 15.04 5.52
C ILE A 152 10.94 13.81 6.19
N MET A 153 11.09 12.71 5.44
CA MET A 153 11.78 11.53 5.97
C MET A 153 13.21 11.85 6.34
N GLY A 154 13.91 12.58 5.49
CA GLY A 154 15.28 12.96 5.80
C GLY A 154 15.36 13.85 7.03
N TRP A 155 14.45 14.82 7.13
CA TRP A 155 14.44 15.69 8.30
C TRP A 155 14.17 14.88 9.58
N MET A 156 13.20 13.97 9.53
CA MET A 156 12.87 13.15 10.68
C MET A 156 14.03 12.25 11.08
N MET A 157 14.70 11.64 10.10
CA MET A 157 15.85 10.79 10.37
C MET A 157 16.98 11.59 11.01
N ASP A 158 17.22 12.80 10.50
CA ASP A 158 18.28 13.63 11.07
C ASP A 158 17.96 14.00 12.51
N GLU A 159 16.71 14.36 12.80
CA GLU A 159 16.36 14.68 14.18
C GLU A 159 16.49 13.47 15.09
N TYR A 160 16.06 12.29 14.61
CA TYR A 160 16.17 11.08 15.42
C TYR A 160 17.63 10.75 15.69
N GLU A 161 18.49 10.90 14.69
CA GLU A 161 19.92 10.65 14.89
C GLU A 161 20.51 11.64 15.87
N THR A 162 20.08 12.91 15.81
CA THR A 162 20.56 13.90 16.76
C THR A 162 20.17 13.54 18.18
N ILE A 163 18.93 13.11 18.39
CA ILE A 163 18.49 12.76 19.74
C ILE A 163 19.16 11.47 20.22
N MET A 164 19.28 10.50 19.31
CA MET A 164 19.85 9.19 19.62
C MET A 164 21.37 9.15 19.79
N ARG A 165 22.02 10.30 19.64
CA ARG A 165 23.46 10.39 19.79
C ARG A 165 24.27 9.36 18.99
N ARG A 166 23.74 8.96 17.83
CA ARG A 166 24.42 8.02 16.94
C ARG A 166 24.87 6.76 17.66
N LYS A 167 23.98 6.19 18.48
CA LYS A 167 24.31 4.98 19.22
C LYS A 167 23.90 3.71 18.50
N GLY A 168 23.38 3.82 17.28
CA GLY A 168 22.95 2.65 16.54
C GLY A 168 22.53 3.00 15.12
N PRO A 169 21.85 2.09 14.46
CA PRO A 169 21.42 2.34 13.06
C PRO A 169 20.27 3.35 12.98
N ALA A 170 20.63 4.62 13.10
CA ALA A 170 19.63 5.68 13.02
C ALA A 170 19.06 5.83 11.62
N PHE A 171 19.75 5.28 10.61
CA PHE A 171 19.21 5.29 9.26
C PHE A 171 17.96 4.42 9.16
N GLY A 172 17.94 3.32 9.90
CA GLY A 172 16.84 2.38 9.86
C GLY A 172 15.62 2.74 10.68
N VAL A 173 15.63 3.88 11.36
CA VAL A 173 14.45 4.28 12.12
C VAL A 173 13.29 4.66 11.22
N ILE A 174 13.55 5.03 9.97
CA ILE A 174 12.50 5.53 9.08
C ILE A 174 12.88 5.14 7.65
N THR A 175 11.87 4.87 6.84
CA THR A 175 12.06 4.47 5.46
C THR A 175 11.55 5.55 4.52
N GLY A 176 11.76 5.34 3.23
CA GLY A 176 11.43 6.33 2.23
C GLY A 176 12.39 7.49 2.17
N LYS A 177 13.60 7.34 2.68
CA LYS A 177 14.59 8.40 2.75
C LYS A 177 15.22 8.64 1.37
N PRO A 178 15.83 9.81 1.17
CA PRO A 178 16.58 10.04 -0.07
C PRO A 178 17.77 9.09 -0.17
N LEU A 179 18.15 8.78 -1.40
CA LEU A 179 19.25 7.87 -1.67
C LEU A 179 20.55 8.30 -1.00
N SER A 180 20.78 9.59 -0.90
CA SER A 180 22.00 10.09 -0.29
C SER A 180 22.11 9.69 1.18
N ILE A 181 21.00 9.55 1.88
CA ILE A 181 21.00 9.18 3.29
C ILE A 181 20.13 7.94 3.52
N GLY A 182 20.73 6.76 3.38
CA GLY A 182 20.06 5.52 3.69
C GLY A 182 18.91 5.13 2.78
N GLY A 183 18.81 5.76 1.61
CA GLY A 183 17.75 5.43 0.69
C GLY A 183 17.97 4.10 0.00
N SER A 184 16.86 3.71 -0.82
CA SER A 184 16.87 2.41 -1.47
C SER A 184 16.48 2.52 -2.94
N LEU A 185 17.03 1.62 -3.75
CA LEU A 185 16.70 1.58 -5.16
C LEU A 185 15.39 0.82 -5.37
N GLY A 186 14.68 1.19 -6.43
CA GLY A 186 13.43 0.55 -6.78
C GLY A 186 12.21 1.06 -6.03
N ARG A 187 12.39 2.10 -5.23
CA ARG A 187 11.27 2.64 -4.45
C ARG A 187 10.23 3.35 -5.33
N GLY A 188 10.65 3.84 -6.49
CA GLY A 188 9.73 4.53 -7.38
C GLY A 188 8.71 3.60 -8.00
N THR A 189 9.15 2.42 -8.41
CA THR A 189 8.30 1.46 -9.11
C THR A 189 7.96 0.24 -8.26
N ALA A 190 7.91 0.39 -6.94
CA ALA A 190 7.68 -0.77 -6.07
C ALA A 190 6.28 -1.33 -6.25
N THR A 191 5.26 -0.47 -6.17
CA THR A 191 3.88 -0.92 -6.25
C THR A 191 3.58 -1.56 -7.60
N ALA A 192 4.03 -0.93 -8.69
CA ALA A 192 3.79 -1.47 -10.01
C ALA A 192 4.53 -2.79 -10.22
N GLN A 193 5.75 -2.89 -9.70
CA GLN A 193 6.50 -4.14 -9.82
C GLN A 193 5.82 -5.28 -9.08
N GLY A 194 5.34 -5.00 -7.86
CA GLY A 194 4.59 -6.02 -7.14
C GLY A 194 3.31 -6.42 -7.85
N ALA A 195 2.60 -5.44 -8.40
CA ALA A 195 1.38 -5.75 -9.15
C ALA A 195 1.70 -6.60 -10.37
N ILE A 196 2.79 -6.31 -11.08
CA ILE A 196 3.17 -7.09 -12.24
C ILE A 196 3.51 -8.52 -11.84
N PHE A 197 4.24 -8.70 -10.75
CA PHE A 197 4.56 -10.06 -10.31
C PHE A 197 3.30 -10.82 -9.93
N THR A 198 2.37 -10.17 -9.23
CA THR A 198 1.12 -10.82 -8.87
C THR A 198 0.29 -11.17 -10.11
N ILE A 199 0.26 -10.29 -11.11
CA ILE A 199 -0.48 -10.57 -12.33
C ILE A 199 0.14 -11.76 -13.07
N ARG A 200 1.47 -11.82 -13.13
CA ARG A 200 2.13 -12.95 -13.76
C ARG A 200 1.80 -14.25 -13.04
N GLU A 201 1.84 -14.23 -11.71
CA GLU A 201 1.50 -15.44 -10.96
C GLU A 201 0.04 -15.82 -11.14
N ALA A 202 -0.86 -14.84 -11.21
CA ALA A 202 -2.27 -15.14 -11.45
C ALA A 202 -2.48 -15.76 -12.82
N ALA A 203 -1.79 -15.25 -13.83
CA ALA A 203 -1.87 -15.83 -15.16
C ALA A 203 -1.33 -17.26 -15.16
N LYS A 204 -0.29 -17.49 -14.39
CA LYS A 204 0.30 -18.82 -14.27
C LYS A 204 -0.71 -19.77 -13.63
N ALA A 205 -1.39 -19.29 -12.60
CA ALA A 205 -2.38 -20.10 -11.90
C ALA A 205 -3.57 -20.42 -12.80
N LEU A 206 -4.01 -19.44 -13.58
CA LEU A 206 -5.13 -19.64 -14.50
C LEU A 206 -4.74 -20.34 -15.79
N GLY A 207 -3.45 -20.56 -16.02
CA GLY A 207 -2.99 -21.18 -17.24
C GLY A 207 -3.08 -20.31 -18.48
N ILE A 208 -2.91 -19.00 -18.33
CA ILE A 208 -3.03 -18.07 -19.45
C ILE A 208 -1.67 -17.46 -19.75
N ASP A 209 -1.31 -17.47 -21.03
CA ASP A 209 -0.05 -16.88 -21.47
C ASP A 209 -0.34 -15.40 -21.75
N LEU A 210 0.35 -14.52 -21.04
CA LEU A 210 0.12 -13.09 -21.18
C LEU A 210 0.71 -12.51 -22.46
N LYS A 211 1.70 -13.18 -23.04
CA LYS A 211 2.32 -12.68 -24.27
C LYS A 211 1.27 -12.52 -25.37
N GLY A 212 0.98 -11.28 -25.76
CA GLY A 212 0.01 -11.03 -26.78
C GLY A 212 -1.39 -10.74 -26.29
N LYS A 213 -1.58 -10.57 -24.98
CA LYS A 213 -2.90 -10.29 -24.44
C LYS A 213 -3.09 -8.79 -24.24
N LYS A 214 -4.27 -8.43 -23.75
CA LYS A 214 -4.67 -7.04 -23.60
C LYS A 214 -4.84 -6.70 -22.11
N ILE A 215 -4.48 -5.46 -21.76
CA ILE A 215 -4.61 -4.97 -20.39
C ILE A 215 -5.15 -3.55 -20.44
N ALA A 216 -6.06 -3.24 -19.52
CA ALA A 216 -6.61 -1.90 -19.36
C ALA A 216 -6.32 -1.39 -17.97
N VAL A 217 -5.81 -0.16 -17.88
CA VAL A 217 -5.40 0.44 -16.62
C VAL A 217 -6.23 1.70 -16.40
N GLN A 218 -6.86 1.80 -15.23
CA GLN A 218 -7.67 2.98 -14.86
C GLN A 218 -6.81 3.81 -13.92
N GLY A 219 -6.58 5.09 -14.24
CA GLY A 219 -5.68 5.92 -13.44
C GLY A 219 -4.29 5.80 -14.03
N TYR A 220 -3.71 6.95 -14.36
CA TYR A 220 -2.40 7.00 -15.01
C TYR A 220 -1.41 7.83 -14.21
N GLY A 221 -1.46 7.72 -12.88
CA GLY A 221 -0.49 8.38 -12.04
C GLY A 221 0.82 7.62 -12.01
N ASN A 222 1.47 7.61 -10.86
CA ASN A 222 2.73 6.89 -10.71
C ASN A 222 2.53 5.37 -10.77
N ALA A 223 1.50 4.88 -10.09
CA ALA A 223 1.20 3.46 -10.06
C ALA A 223 0.64 2.98 -11.40
N GLY A 224 -0.33 3.71 -11.94
CA GLY A 224 -0.95 3.28 -13.19
C GLY A 224 0.02 3.29 -14.36
N TYR A 225 0.76 4.38 -14.52
CA TYR A 225 1.71 4.49 -15.63
C TYR A 225 2.79 3.42 -15.52
N TYR A 226 3.35 3.25 -14.32
CA TYR A 226 4.39 2.23 -14.19
C TYR A 226 3.84 0.83 -14.34
N THR A 227 2.59 0.58 -13.92
CA THR A 227 1.98 -0.72 -14.14
C THR A 227 1.85 -1.01 -15.63
N ALA A 228 1.35 -0.04 -16.39
CA ALA A 228 1.21 -0.25 -17.84
C ALA A 228 2.58 -0.46 -18.49
N LYS A 229 3.53 0.39 -18.13
CA LYS A 229 4.88 0.31 -18.67
C LYS A 229 5.56 -1.03 -18.40
N LEU A 230 5.49 -1.49 -17.16
CA LEU A 230 6.10 -2.74 -16.77
C LEU A 230 5.37 -3.93 -17.37
N ALA A 231 4.04 -3.86 -17.48
CA ALA A 231 3.30 -4.92 -18.14
C ALA A 231 3.78 -5.07 -19.59
N LYS A 232 3.82 -3.97 -20.33
CA LYS A 232 4.23 -4.03 -21.73
C LYS A 232 5.67 -4.51 -21.85
N GLU A 233 6.55 -4.08 -20.95
CA GLU A 233 7.96 -4.44 -21.05
C GLU A 233 8.19 -5.90 -20.70
N GLN A 234 7.83 -6.30 -19.48
CA GLN A 234 8.15 -7.64 -19.00
C GLN A 234 7.12 -8.66 -19.46
N LEU A 235 5.84 -8.43 -19.17
CA LEU A 235 4.82 -9.42 -19.43
C LEU A 235 4.46 -9.53 -20.90
N GLY A 236 4.81 -8.52 -21.69
CA GLY A 236 4.52 -8.52 -23.12
C GLY A 236 3.02 -8.40 -23.40
N MET A 237 2.33 -7.65 -22.55
CA MET A 237 0.89 -7.44 -22.72
C MET A 237 0.61 -6.13 -23.44
N THR A 238 -0.30 -6.19 -24.41
CA THR A 238 -0.66 -5.01 -25.18
C THR A 238 -1.57 -4.08 -24.38
N VAL A 239 -1.09 -2.86 -24.14
CA VAL A 239 -1.87 -1.87 -23.39
C VAL A 239 -2.83 -1.21 -24.36
N VAL A 240 -4.13 -1.39 -24.13
CA VAL A 240 -5.13 -0.92 -25.08
C VAL A 240 -5.95 0.27 -24.54
N ALA A 241 -5.86 0.56 -23.25
CA ALA A 241 -6.66 1.64 -22.68
C ALA A 241 -6.04 2.13 -21.38
N VAL A 242 -5.94 3.44 -21.25
CA VAL A 242 -5.52 4.10 -20.02
C VAL A 242 -6.46 5.27 -19.76
N SER A 243 -6.47 5.75 -18.51
CA SER A 243 -7.38 6.81 -18.14
C SER A 243 -6.76 7.69 -17.06
N ASP A 244 -7.30 8.89 -16.96
CA ASP A 244 -6.98 9.86 -15.91
C ASP A 244 -8.28 10.35 -15.29
N SER A 245 -8.20 11.39 -14.46
CA SER A 245 -9.40 11.97 -13.89
C SER A 245 -10.31 12.56 -14.97
N ARG A 246 -9.70 13.23 -15.94
CA ARG A 246 -10.46 13.86 -17.02
C ARG A 246 -11.18 12.85 -17.91
N GLY A 247 -10.50 11.78 -18.28
CA GLY A 247 -11.09 10.77 -19.14
C GLY A 247 -10.10 9.71 -19.51
N GLY A 248 -10.49 8.87 -20.48
CA GLY A 248 -9.68 7.77 -20.93
C GLY A 248 -9.60 7.69 -22.45
N ILE A 249 -8.69 6.84 -22.93
CA ILE A 249 -8.45 6.62 -24.34
C ILE A 249 -8.41 5.13 -24.60
N TYR A 250 -8.68 4.75 -25.85
CA TYR A 250 -8.71 3.35 -26.23
C TYR A 250 -8.10 3.18 -27.62
N ASN A 251 -7.32 2.12 -27.79
CA ASN A 251 -6.76 1.75 -29.09
C ASN A 251 -6.49 0.26 -29.12
N PRO A 252 -7.24 -0.51 -29.93
CA PRO A 252 -7.02 -1.96 -30.00
C PRO A 252 -5.64 -2.36 -30.48
N ASP A 253 -4.96 -1.51 -31.26
CA ASP A 253 -3.63 -1.82 -31.78
C ASP A 253 -2.54 -1.66 -30.74
N GLY A 254 -2.82 -0.98 -29.62
CA GLY A 254 -1.84 -0.83 -28.58
C GLY A 254 -1.40 0.60 -28.30
N LEU A 255 -0.98 0.85 -27.07
CA LEU A 255 -0.50 2.16 -26.67
C LEU A 255 0.95 2.08 -26.22
N ASP A 256 1.69 3.16 -26.47
CA ASP A 256 3.05 3.27 -25.96
C ASP A 256 3.02 4.10 -24.69
N PRO A 257 3.32 3.51 -23.52
CA PRO A 257 3.18 4.26 -22.27
C PRO A 257 4.04 5.51 -22.20
N ASP A 258 5.24 5.49 -22.79
CA ASP A 258 6.10 6.66 -22.74
C ASP A 258 5.48 7.83 -23.51
N GLU A 259 4.94 7.56 -24.70
CA GLU A 259 4.31 8.60 -25.50
C GLU A 259 3.06 9.14 -24.80
N VAL A 260 2.28 8.25 -24.18
CA VAL A 260 1.09 8.69 -23.45
C VAL A 260 1.49 9.57 -22.27
N LEU A 261 2.54 9.20 -21.56
CA LEU A 261 3.01 10.02 -20.45
C LEU A 261 3.50 11.38 -20.94
N LYS A 262 4.17 11.40 -22.08
CA LYS A 262 4.66 12.64 -22.65
C LYS A 262 3.49 13.54 -23.01
N TRP A 263 2.46 12.96 -23.62
CA TRP A 263 1.28 13.72 -24.02
C TRP A 263 0.54 14.24 -22.79
N LYS A 264 0.45 13.44 -21.74
CA LYS A 264 -0.18 13.89 -20.51
C LYS A 264 0.58 15.03 -19.86
N ARG A 265 1.91 14.94 -19.90
CA ARG A 265 2.76 15.96 -19.31
C ARG A 265 2.90 17.18 -20.23
N GLU A 266 2.23 17.13 -21.38
CA GLU A 266 2.29 18.23 -22.33
C GLU A 266 0.92 18.86 -22.55
N HIS A 267 -0.12 18.02 -22.49
CA HIS A 267 -1.48 18.50 -22.69
C HIS A 267 -2.28 18.50 -21.38
N GLY A 268 -1.61 18.15 -20.29
CA GLY A 268 -2.26 18.11 -18.99
C GLY A 268 -3.21 16.96 -18.78
N SER A 269 -3.47 16.15 -19.80
CA SER A 269 -4.38 15.03 -19.68
C SER A 269 -4.05 13.99 -20.73
N VAL A 270 -4.54 12.77 -20.51
CA VAL A 270 -4.31 11.69 -21.46
C VAL A 270 -5.29 11.72 -22.61
N LYS A 271 -6.32 12.55 -22.50
CA LYS A 271 -7.33 12.64 -23.55
C LYS A 271 -6.78 13.22 -24.85
N ASP A 272 -7.48 12.90 -25.96
CA ASP A 272 -7.14 13.35 -27.30
C ASP A 272 -5.78 12.86 -27.76
N PHE A 273 -5.31 11.72 -27.25
CA PHE A 273 -4.06 11.14 -27.70
C PHE A 273 -4.17 10.73 -29.17
N PRO A 274 -3.19 11.07 -30.01
CA PRO A 274 -3.29 10.72 -31.43
C PRO A 274 -3.45 9.23 -31.68
N GLY A 275 -4.35 8.87 -32.59
CA GLY A 275 -4.60 7.49 -32.94
C GLY A 275 -5.45 6.72 -31.94
N ALA A 276 -5.95 7.39 -30.90
CA ALA A 276 -6.71 6.73 -29.84
C ALA A 276 -8.13 7.30 -29.79
N THR A 277 -9.09 6.42 -29.50
CA THR A 277 -10.48 6.83 -29.38
C THR A 277 -10.77 7.20 -27.93
N ASN A 278 -11.39 8.37 -27.73
CA ASN A 278 -11.71 8.82 -26.38
C ASN A 278 -12.84 7.98 -25.80
N ILE A 279 -12.64 7.49 -24.57
CA ILE A 279 -13.65 6.71 -23.86
C ILE A 279 -13.75 7.24 -22.44
N THR A 280 -14.87 6.94 -21.80
CA THR A 280 -15.07 7.28 -20.40
C THR A 280 -14.49 6.18 -19.52
N ASN A 281 -14.32 6.52 -18.24
CA ASN A 281 -13.79 5.57 -17.26
C ASN A 281 -14.71 4.37 -17.16
N GLU A 282 -16.01 4.63 -17.10
CA GLU A 282 -17.00 3.57 -17.01
C GLU A 282 -16.90 2.68 -18.23
N GLU A 283 -16.67 3.30 -19.39
CA GLU A 283 -16.53 2.55 -20.64
C GLU A 283 -15.26 1.72 -20.65
N LEU A 284 -14.20 2.21 -20.01
CA LEU A 284 -12.99 1.41 -19.89
C LEU A 284 -13.24 0.17 -19.03
N LEU A 285 -14.01 0.31 -17.96
CA LEU A 285 -14.34 -0.86 -17.14
C LEU A 285 -15.15 -1.89 -17.92
N GLU A 286 -15.74 -1.49 -19.05
CA GLU A 286 -16.56 -2.37 -19.87
C GLU A 286 -15.78 -3.16 -20.91
N LEU A 287 -14.54 -2.80 -21.18
CA LEU A 287 -13.80 -3.42 -22.28
C LEU A 287 -13.52 -4.88 -22.00
N GLU A 288 -13.46 -5.67 -23.07
CA GLU A 288 -13.16 -7.09 -22.97
C GLU A 288 -11.65 -7.29 -23.03
N VAL A 289 -11.03 -7.35 -21.85
CA VAL A 289 -9.60 -7.53 -21.73
C VAL A 289 -9.33 -8.76 -20.88
N ASP A 290 -8.04 -9.06 -20.70
CA ASP A 290 -7.67 -10.22 -19.90
C ASP A 290 -7.09 -9.82 -18.56
N VAL A 291 -6.61 -8.58 -18.44
CA VAL A 291 -6.14 -8.03 -17.17
C VAL A 291 -6.70 -6.62 -17.02
N LEU A 292 -7.33 -6.35 -15.87
CA LEU A 292 -7.82 -5.04 -15.53
C LEU A 292 -7.12 -4.57 -14.26
N ALA A 293 -6.57 -3.37 -14.29
CA ALA A 293 -5.76 -2.83 -13.19
C ALA A 293 -6.29 -1.48 -12.76
N PRO A 294 -7.31 -1.43 -11.91
CA PRO A 294 -7.75 -0.14 -11.36
C PRO A 294 -6.70 0.46 -10.43
N ALA A 295 -6.09 1.57 -10.86
CA ALA A 295 -5.04 2.23 -10.10
C ALA A 295 -5.45 3.65 -9.78
N ALA A 296 -6.67 3.83 -9.30
CA ALA A 296 -7.29 5.14 -9.18
C ALA A 296 -8.16 5.23 -7.93
N ILE A 297 -9.12 6.15 -7.95
CA ILE A 297 -10.01 6.38 -6.83
C ILE A 297 -10.70 5.12 -6.30
N GLU A 298 -10.89 5.07 -5.00
CA GLU A 298 -11.54 3.91 -4.41
C GLU A 298 -13.00 3.80 -4.83
N GLU A 299 -13.46 2.54 -4.92
CA GLU A 299 -14.83 2.13 -5.21
C GLU A 299 -15.25 2.51 -6.63
N VAL A 300 -14.45 2.03 -7.59
CA VAL A 300 -14.78 2.19 -9.00
C VAL A 300 -15.59 1.00 -9.53
N ILE A 301 -15.59 -0.12 -8.83
CA ILE A 301 -16.38 -1.29 -9.21
C ILE A 301 -17.42 -1.53 -8.13
N THR A 302 -18.69 -1.35 -8.49
CA THR A 302 -19.79 -1.49 -7.53
C THR A 302 -20.73 -2.58 -8.04
N GLU A 303 -21.83 -2.78 -7.32
CA GLU A 303 -22.82 -3.78 -7.68
C GLU A 303 -23.49 -3.44 -9.00
N LYS A 304 -23.47 -2.16 -9.37
CA LYS A 304 -24.12 -1.74 -10.61
C LYS A 304 -23.38 -2.27 -11.84
N ASN A 305 -22.06 -2.13 -11.86
CA ASN A 305 -21.26 -2.50 -13.02
C ASN A 305 -20.44 -3.76 -12.81
N ALA A 306 -20.64 -4.47 -11.70
CA ALA A 306 -19.86 -5.69 -11.47
C ALA A 306 -20.15 -6.76 -12.51
N ASP A 307 -21.42 -6.93 -12.88
CA ASP A 307 -21.80 -7.94 -13.86
C ASP A 307 -21.18 -7.66 -15.23
N ASN A 308 -21.14 -6.40 -15.66
CA ASN A 308 -20.68 -6.04 -16.99
C ASN A 308 -19.17 -6.03 -17.15
N ILE A 309 -18.43 -6.65 -16.23
CA ILE A 309 -16.98 -6.70 -16.33
C ILE A 309 -16.57 -7.96 -17.09
N LYS A 310 -15.72 -7.79 -18.10
CA LYS A 310 -15.27 -8.91 -18.90
C LYS A 310 -13.80 -9.27 -18.72
N ALA A 311 -13.15 -8.69 -17.72
CA ALA A 311 -11.74 -9.00 -17.49
C ALA A 311 -11.58 -10.35 -16.81
N LYS A 312 -10.53 -11.08 -17.19
CA LYS A 312 -10.26 -12.38 -16.60
C LYS A 312 -9.58 -12.22 -15.24
N ILE A 313 -8.70 -11.24 -15.15
CA ILE A 313 -7.99 -10.94 -13.91
C ILE A 313 -8.18 -9.47 -13.59
N VAL A 314 -8.57 -9.18 -12.35
CA VAL A 314 -8.73 -7.81 -11.87
C VAL A 314 -7.67 -7.57 -10.81
N ALA A 315 -6.63 -6.81 -11.17
CA ALA A 315 -5.53 -6.52 -10.26
C ALA A 315 -5.85 -5.23 -9.52
N GLU A 316 -6.26 -5.35 -8.25
CA GLU A 316 -6.65 -4.20 -7.45
C GLU A 316 -5.38 -3.46 -7.01
N VAL A 317 -4.82 -2.69 -7.94
CA VAL A 317 -3.61 -1.92 -7.64
C VAL A 317 -3.92 -0.82 -6.65
N ALA A 318 -5.10 -0.20 -6.76
CA ALA A 318 -5.48 0.85 -5.85
C ALA A 318 -5.89 0.29 -4.49
N ASN A 319 -6.38 1.17 -3.64
CA ASN A 319 -6.78 0.79 -2.28
C ASN A 319 -8.28 0.54 -2.23
N GLY A 320 -8.68 -0.69 -2.52
CA GLY A 320 -10.08 -1.08 -2.46
C GLY A 320 -10.93 -0.48 -3.56
N PRO A 321 -10.68 -0.87 -4.82
CA PRO A 321 -11.53 -0.41 -5.91
C PRO A 321 -12.75 -1.29 -6.17
N VAL A 322 -12.95 -2.33 -5.37
CA VAL A 322 -14.06 -3.27 -5.56
C VAL A 322 -14.83 -3.38 -4.25
N THR A 323 -16.15 -3.25 -4.33
CA THR A 323 -17.02 -3.35 -3.17
C THR A 323 -17.36 -4.81 -2.89
N PRO A 324 -17.74 -5.13 -1.64
CA PRO A 324 -18.06 -6.53 -1.31
C PRO A 324 -19.17 -7.14 -2.17
N GLU A 325 -20.21 -6.38 -2.49
CA GLU A 325 -21.22 -6.88 -3.42
C GLU A 325 -20.62 -7.14 -4.79
N ALA A 326 -19.80 -6.20 -5.27
CA ALA A 326 -19.08 -6.41 -6.52
C ALA A 326 -18.12 -7.59 -6.39
N ASP A 327 -17.53 -7.78 -5.21
CA ASP A 327 -16.66 -8.93 -4.97
C ASP A 327 -17.42 -10.23 -5.19
N ASP A 328 -18.60 -10.36 -4.59
CA ASP A 328 -19.39 -11.57 -4.75
C ASP A 328 -19.83 -11.78 -6.18
N ILE A 329 -20.29 -10.70 -6.84
CA ILE A 329 -20.74 -10.82 -8.22
C ILE A 329 -19.61 -11.24 -9.13
N LEU A 330 -18.42 -10.65 -8.94
CA LEU A 330 -17.28 -10.95 -9.79
C LEU A 330 -16.78 -12.37 -9.55
N ARG A 331 -16.80 -12.83 -8.29
CA ARG A 331 -16.41 -14.21 -8.01
C ARG A 331 -17.38 -15.18 -8.65
N GLU A 332 -18.68 -14.86 -8.62
CA GLU A 332 -19.68 -15.73 -9.24
C GLU A 332 -19.45 -15.88 -10.74
N LYS A 333 -18.85 -14.87 -11.37
CA LYS A 333 -18.59 -14.90 -12.79
C LYS A 333 -17.29 -15.61 -13.16
N GLY A 334 -16.72 -16.36 -12.22
CA GLY A 334 -15.48 -17.07 -12.50
C GLY A 334 -14.33 -16.17 -12.86
N ILE A 335 -14.17 -15.06 -12.15
CA ILE A 335 -13.08 -14.12 -12.40
C ILE A 335 -12.21 -14.02 -11.16
N LEU A 336 -10.90 -14.20 -11.35
CA LEU A 336 -9.95 -14.17 -10.24
C LEU A 336 -9.66 -12.72 -9.88
N GLN A 337 -9.78 -12.39 -8.59
CA GLN A 337 -9.43 -11.08 -8.08
C GLN A 337 -8.15 -11.18 -7.26
N ILE A 338 -7.26 -10.20 -7.44
CA ILE A 338 -6.08 -10.09 -6.59
C ILE A 338 -6.39 -9.03 -5.54
N PRO A 339 -6.39 -9.38 -4.25
CA PRO A 339 -6.84 -8.43 -3.23
C PRO A 339 -5.98 -7.18 -3.20
N ASP A 340 -6.60 -6.06 -2.82
CA ASP A 340 -5.94 -4.76 -2.90
C ASP A 340 -4.68 -4.70 -2.03
N PHE A 341 -4.74 -5.23 -0.82
CA PHE A 341 -3.59 -5.15 0.07
C PHE A 341 -2.59 -6.27 -0.16
N LEU A 342 -2.81 -7.12 -1.17
CA LEU A 342 -1.80 -8.05 -1.63
C LEU A 342 -1.20 -7.59 -2.96
N CYS A 343 -2.02 -7.01 -3.83
CA CYS A 343 -1.53 -6.57 -5.13
C CYS A 343 -0.53 -5.43 -5.00
N ASN A 344 -0.88 -4.42 -4.20
CA ASN A 344 -0.01 -3.28 -3.97
C ASN A 344 0.81 -3.48 -2.71
N ALA A 345 1.36 -4.68 -2.55
CA ALA A 345 2.18 -5.01 -1.38
C ALA A 345 3.65 -4.67 -1.60
N GLY A 346 3.98 -4.23 -2.81
CA GLY A 346 5.34 -3.86 -3.14
C GLY A 346 5.86 -2.75 -2.26
N GLY A 347 5.02 -1.74 -2.02
CA GLY A 347 5.39 -0.61 -1.19
C GLY A 347 5.90 -1.05 0.17
N VAL A 348 5.10 -1.84 0.88
CA VAL A 348 5.47 -2.32 2.20
C VAL A 348 6.65 -3.29 2.11
N THR A 349 6.68 -4.09 1.05
CA THR A 349 7.75 -5.04 0.84
C THR A 349 9.07 -4.34 0.57
N VAL A 350 9.01 -3.23 -0.16
CA VAL A 350 10.20 -2.46 -0.48
C VAL A 350 10.73 -1.75 0.76
N SER A 351 9.82 -1.23 1.58
CA SER A 351 10.18 -0.54 2.80
C SER A 351 10.99 -1.46 3.70
N TYR A 352 10.56 -2.72 3.80
CA TYR A 352 11.25 -3.71 4.61
C TYR A 352 12.66 -3.95 4.10
N PHE A 353 12.82 -4.01 2.77
CA PHE A 353 14.15 -4.16 2.19
C PHE A 353 15.05 -2.98 2.55
N GLU A 354 14.49 -1.77 2.52
CA GLU A 354 15.24 -0.58 2.91
C GLU A 354 15.67 -0.66 4.36
N TRP A 355 14.76 -1.11 5.24
CA TRP A 355 15.11 -1.27 6.65
C TRP A 355 16.22 -2.30 6.83
N VAL A 356 16.16 -3.40 6.08
CA VAL A 356 17.21 -4.42 6.15
C VAL A 356 18.54 -3.85 5.70
N GLN A 357 18.53 -3.07 4.62
CA GLN A 357 19.76 -2.45 4.14
C GLN A 357 20.34 -1.49 5.17
N ASN A 358 19.48 -0.69 5.81
CA ASN A 358 19.94 0.25 6.82
C ASN A 358 20.52 -0.48 8.03
N ILE A 359 19.85 -1.55 8.48
CA ILE A 359 20.27 -2.30 9.64
C ILE A 359 21.61 -2.97 9.38
N ASN A 360 21.75 -3.58 8.20
CA ASN A 360 22.96 -4.28 7.83
C ASN A 360 24.12 -3.37 7.47
N GLY A 361 23.85 -2.12 7.10
CA GLY A 361 24.90 -1.22 6.67
C GLY A 361 25.39 -1.48 5.26
N TYR A 362 24.72 -2.39 4.56
CA TYR A 362 25.09 -2.74 3.19
C TYR A 362 23.89 -2.61 2.26
N TYR A 363 24.02 -1.76 1.25
CA TYR A 363 22.95 -1.55 0.28
C TYR A 363 23.11 -2.42 -0.95
N TRP A 364 22.00 -2.94 -1.45
CA TRP A 364 22.01 -3.80 -2.64
C TRP A 364 21.81 -2.98 -3.91
N THR A 365 21.66 -3.66 -5.03
CA THR A 365 21.46 -3.01 -6.32
C THR A 365 19.99 -3.05 -6.73
N GLU A 366 19.69 -2.53 -7.91
CA GLU A 366 18.33 -2.51 -8.42
C GLU A 366 17.85 -3.92 -8.75
N GLU A 367 18.77 -4.76 -9.23
CA GLU A 367 18.45 -6.13 -9.58
C GLU A 367 18.16 -6.97 -8.34
N GLU A 368 18.97 -6.82 -7.29
CA GLU A 368 18.76 -7.60 -6.08
C GLU A 368 17.43 -7.25 -5.43
N VAL A 369 17.09 -5.97 -5.36
CA VAL A 369 15.81 -5.55 -4.81
C VAL A 369 14.67 -6.13 -5.64
N ARG A 370 14.82 -6.08 -6.96
CA ARG A 370 13.80 -6.59 -7.87
C ARG A 370 13.58 -8.09 -7.70
N GLU A 371 14.65 -8.85 -7.52
CA GLU A 371 14.54 -10.30 -7.35
C GLU A 371 13.94 -10.66 -6.00
N LYS A 372 14.38 -9.99 -4.94
CA LYS A 372 13.81 -10.26 -3.62
C LYS A 372 12.33 -9.91 -3.57
N LEU A 373 11.95 -8.78 -4.20
CA LEU A 373 10.54 -8.42 -4.27
C LEU A 373 9.75 -9.47 -5.05
N ASP A 374 10.36 -9.99 -6.12
CA ASP A 374 9.73 -11.02 -6.94
C ASP A 374 9.43 -12.24 -6.09
N LYS A 375 10.42 -12.67 -5.31
CA LYS A 375 10.24 -13.84 -4.45
C LYS A 375 9.15 -13.61 -3.41
N LYS A 376 9.20 -12.45 -2.76
CA LYS A 376 8.22 -12.10 -1.74
C LYS A 376 6.79 -12.10 -2.26
N MET A 377 6.57 -11.41 -3.38
CA MET A 377 5.24 -11.32 -3.96
C MET A 377 4.75 -12.67 -4.47
N THR A 378 5.64 -13.46 -5.11
CA THR A 378 5.24 -14.77 -5.57
C THR A 378 4.79 -15.66 -4.42
N LYS A 379 5.57 -15.66 -3.35
CA LYS A 379 5.26 -16.47 -2.18
C LYS A 379 3.92 -16.04 -1.54
N ALA A 380 3.72 -14.74 -1.39
CA ALA A 380 2.50 -14.23 -0.79
C ALA A 380 1.28 -14.56 -1.64
N PHE A 381 1.36 -14.32 -2.95
CA PHE A 381 0.22 -14.62 -3.81
C PHE A 381 -0.09 -16.10 -3.82
N TRP A 382 0.95 -16.93 -3.81
CA TRP A 382 0.78 -18.37 -3.82
C TRP A 382 0.18 -18.86 -2.50
N GLU A 383 0.51 -18.17 -1.42
CA GLU A 383 0.00 -18.53 -0.10
C GLU A 383 -1.45 -18.10 0.07
N VAL A 384 -1.84 -17.08 -0.67
CA VAL A 384 -3.21 -16.58 -0.62
C VAL A 384 -4.12 -17.38 -1.55
N TYR A 385 -3.61 -17.72 -2.72
CA TYR A 385 -4.37 -18.50 -3.70
C TYR A 385 -4.61 -19.92 -3.20
N ASN A 386 -3.62 -20.50 -2.53
CA ASN A 386 -3.82 -21.83 -1.95
C ASN A 386 -4.91 -21.80 -0.87
N THR A 387 -4.91 -20.78 -0.03
CA THR A 387 -6.00 -20.64 0.94
C THR A 387 -7.33 -20.45 0.25
N HIS A 388 -7.33 -19.69 -0.84
CA HIS A 388 -8.55 -19.44 -1.61
C HIS A 388 -9.12 -20.74 -2.18
N LYS A 389 -8.25 -21.60 -2.71
CA LYS A 389 -8.66 -22.88 -3.26
C LYS A 389 -9.05 -23.92 -2.22
N ASP A 390 -8.38 -23.91 -1.07
CA ASP A 390 -8.66 -24.89 -0.03
C ASP A 390 -9.94 -24.57 0.73
N LYS A 391 -10.07 -23.31 1.15
CA LYS A 391 -11.23 -22.88 1.95
C LYS A 391 -12.48 -22.49 1.17
N ASN A 392 -12.38 -22.48 -0.16
CA ASN A 392 -13.51 -22.16 -1.04
C ASN A 392 -14.17 -20.84 -0.63
N ILE A 393 -13.32 -19.85 -0.36
CA ILE A 393 -13.78 -18.52 0.02
C ILE A 393 -13.24 -17.52 -0.99
N HIS A 394 -13.58 -16.24 -0.79
CA HIS A 394 -13.14 -15.18 -1.69
C HIS A 394 -11.63 -14.95 -1.59
N MET A 395 -11.04 -14.45 -2.67
CA MET A 395 -9.60 -14.18 -2.70
C MET A 395 -9.18 -13.28 -1.54
N ARG A 396 -9.86 -12.15 -1.40
CA ARG A 396 -9.57 -11.21 -0.33
C ARG A 396 -9.62 -11.91 1.02
N ASP A 397 -10.64 -12.76 1.19
CA ASP A 397 -10.81 -13.52 2.42
C ASP A 397 -9.63 -14.43 2.68
N ALA A 398 -9.06 -15.03 1.63
CA ALA A 398 -7.88 -15.88 1.80
C ALA A 398 -6.70 -15.07 2.32
N ALA A 399 -6.48 -13.88 1.78
CA ALA A 399 -5.38 -13.03 2.25
C ALA A 399 -5.59 -12.61 3.69
N TYR A 400 -6.82 -12.24 4.05
CA TYR A 400 -7.12 -11.91 5.43
C TYR A 400 -6.87 -13.10 6.35
N VAL A 401 -7.29 -14.29 5.92
CA VAL A 401 -7.07 -15.50 6.72
C VAL A 401 -5.58 -15.73 6.92
N VAL A 402 -4.78 -15.59 5.86
CA VAL A 402 -3.35 -15.80 5.97
C VAL A 402 -2.72 -14.82 6.95
N ALA A 403 -3.05 -13.54 6.82
CA ALA A 403 -2.45 -12.52 7.68
C ALA A 403 -2.85 -12.72 9.14
N VAL A 404 -4.14 -12.95 9.39
CA VAL A 404 -4.62 -13.13 10.75
C VAL A 404 -4.06 -14.41 11.35
N SER A 405 -3.91 -15.46 10.53
CA SER A 405 -3.31 -16.70 11.03
C SER A 405 -1.85 -16.50 11.42
N ARG A 406 -1.14 -15.71 10.64
CA ARG A 406 0.26 -15.42 10.91
C ARG A 406 0.41 -14.65 12.23
N VAL A 407 -0.45 -13.64 12.42
CA VAL A 407 -0.41 -12.84 13.64
C VAL A 407 -0.84 -13.69 14.84
N TYR A 408 -1.87 -14.50 14.64
CA TYR A 408 -2.39 -15.37 15.67
C TYR A 408 -1.32 -16.34 16.16
N GLN A 409 -0.62 -16.97 15.22
CA GLN A 409 0.44 -17.92 15.56
C GLN A 409 1.57 -17.23 16.30
N ALA A 410 1.94 -16.02 15.87
CA ALA A 410 2.97 -15.27 16.58
C ALA A 410 2.54 -14.96 18.01
N MET A 411 1.27 -14.58 18.19
CA MET A 411 0.75 -14.30 19.53
C MET A 411 0.77 -15.56 20.40
N LYS A 412 0.37 -16.70 19.84
CA LYS A 412 0.36 -17.93 20.60
C LYS A 412 1.77 -18.35 20.99
N ASP A 413 2.74 -18.17 20.10
CA ASP A 413 4.12 -18.54 20.39
C ASP A 413 4.70 -17.72 21.52
N ARG A 414 4.37 -16.44 21.61
CA ARG A 414 4.84 -15.59 22.70
C ARG A 414 4.16 -15.90 24.02
N GLY A 415 3.05 -16.65 24.01
CA GLY A 415 2.30 -16.89 25.23
C GLY A 415 1.29 -15.81 25.57
N TRP A 416 1.05 -14.87 24.67
CA TRP A 416 0.07 -13.81 24.94
C TRP A 416 -1.33 -14.39 25.12
N VAL A 417 -1.70 -15.33 24.26
CA VAL A 417 -2.99 -16.00 24.34
C VAL A 417 -2.75 -17.50 24.52
N LYS A 418 -3.47 -18.09 25.45
CA LYS A 418 -3.29 -19.50 25.79
C LYS A 418 -4.19 -20.43 24.99
N LYS A 419 -5.10 -19.90 24.19
CA LYS A 419 -6.03 -20.72 23.43
C LYS A 419 -5.83 -20.53 21.93
PA NDP B . -1.26 9.47 -7.80
O1A NDP B . -1.66 10.70 -6.94
O2A NDP B . 0.25 9.55 -8.14
O5B NDP B . -2.09 9.56 -9.15
C5B NDP B . -3.49 9.49 -9.10
C4B NDP B . -4.00 9.03 -10.45
O4B NDP B . -5.35 8.61 -10.34
C3B NDP B . -3.94 10.14 -11.44
O3B NDP B . -3.94 9.65 -12.72
C2B NDP B . -5.20 10.80 -11.18
O2B NDP B . -5.55 11.56 -12.28
C1B NDP B . -6.08 9.62 -10.99
N9A NDP B . -7.30 9.93 -10.27
C8A NDP B . -7.51 10.62 -8.99
N7A NDP B . -8.89 10.63 -8.79
C5A NDP B . -9.48 9.97 -9.92
C6A NDP B . -10.76 9.72 -10.19
N6A NDP B . -11.81 10.13 -9.30
N1A NDP B . -11.04 9.12 -11.26
C2A NDP B . -10.20 8.67 -12.16
N3A NDP B . -8.82 8.87 -11.99
C4A NDP B . -8.52 9.57 -10.77
O3 NDP B . -1.63 8.16 -7.04
PN NDP B . -0.55 7.05 -6.71
O1N NDP B . 0.41 7.59 -5.62
O2N NDP B . 0.24 6.70 -8.00
O5D NDP B . -1.27 5.77 -6.19
C5D NDP B . -2.49 5.41 -6.77
C4D NDP B . -3.27 4.43 -5.92
O4D NDP B . -2.55 3.57 -5.17
C3D NDP B . -4.06 5.05 -4.81
O3D NDP B . -5.31 4.50 -4.70
C2D NDP B . -3.22 4.77 -3.56
O2D NDP B . -4.01 4.73 -2.44
C1D NDP B . -2.53 3.48 -3.82
N1N NDP B . -1.21 3.41 -3.24
C2N NDP B . -0.05 3.69 -4.06
C3N NDP B . 1.28 3.50 -3.70
C7N NDP B . 2.27 4.23 -4.56
O7N NDP B . 3.43 4.36 -4.18
N7N NDP B . 1.88 4.82 -5.82
C4N NDP B . 1.67 3.12 -2.30
C5N NDP B . 0.44 2.45 -1.81
C6N NDP B . -0.74 3.12 -1.93
P2B NDP B . -4.87 12.93 -12.59
O1X NDP B . -5.57 13.61 -13.74
O2X NDP B . -3.43 12.71 -12.98
O3X NDP B . -4.93 13.83 -11.38
#